data_6U6F
#
_entry.id   6U6F
#
_cell.length_a   68.450
_cell.length_b   68.450
_cell.length_c   363.650
_cell.angle_alpha   90.000
_cell.angle_beta   90.000
_cell.angle_gamma   120.000
#
_symmetry.space_group_name_H-M   'P 61 2 2'
#
loop_
_entity.id
_entity.type
_entity.pdbx_description
1 polymer 'Induced myeloid leukemia cell differentiation protein Mcl-1'
2 non-polymer '2-[({4-[(4-tert-butylphenyl)methyl]piperazin-1-yl}sulfonyl)amino]-5-[(2-phenylethyl)sulfanyl]benzoic acid'
3 water water
#
_entity_poly.entity_id   1
_entity_poly.type   'polypeptide(L)'
_entity_poly.pdbx_seq_one_letter_code
;SNAEDELYRQSLEIISRYLREQATGAKDTKPMGRSGATSRKALETLRRVGDGVQRNHETAFQGMLRKLDIKNEDDVKSLS
RVMIHVFSDGVTNWGRIVTLISFGAFVAKHLKTINQESCIEPLAESITDVLVRTKRDWLVKQRGWDGFVEFFHVED
;
_entity_poly.pdbx_strand_id   A,B,C
#
# COMPACT_ATOMS: atom_id res chain seq x y z
N GLU A 4 -13.33 17.41 -18.94
CA GLU A 4 -14.00 16.75 -20.06
C GLU A 4 -13.54 15.28 -20.14
N ASP A 5 -12.48 15.01 -20.92
CA ASP A 5 -11.88 13.68 -21.07
C ASP A 5 -11.00 13.43 -19.86
N GLU A 6 -10.27 14.47 -19.41
CA GLU A 6 -9.33 14.45 -18.27
C GLU A 6 -10.04 14.20 -16.93
N LEU A 7 -11.22 14.81 -16.70
CA LEU A 7 -12.00 14.64 -15.47
C LEU A 7 -12.46 13.19 -15.30
N TYR A 8 -12.84 12.51 -16.41
CA TYR A 8 -13.24 11.11 -16.41
C TYR A 8 -12.01 10.21 -16.18
N ARG A 9 -10.89 10.50 -16.89
CA ARG A 9 -9.63 9.74 -16.82
C ARG A 9 -8.99 9.80 -15.43
N GLN A 10 -9.02 10.99 -14.79
CA GLN A 10 -8.48 11.21 -13.44
C GLN A 10 -9.33 10.45 -12.41
N SER A 11 -10.67 10.61 -12.48
CA SER A 11 -11.62 9.95 -11.59
C SER A 11 -11.56 8.42 -11.72
N LEU A 12 -11.40 7.92 -12.97
CA LEU A 12 -11.29 6.48 -13.22
C LEU A 12 -10.03 5.90 -12.58
N GLU A 13 -8.89 6.63 -12.69
CA GLU A 13 -7.62 6.20 -12.10
C GLU A 13 -7.66 6.12 -10.59
N ILE A 14 -8.32 7.09 -9.92
CA ILE A 14 -8.44 7.11 -8.46
C ILE A 14 -9.38 5.99 -7.97
N ILE A 15 -10.59 5.89 -8.58
CA ILE A 15 -11.62 4.90 -8.21
C ILE A 15 -11.15 3.46 -8.49
N SER A 16 -10.61 3.19 -9.72
CA SER A 16 -10.12 1.85 -10.08
C SER A 16 -9.06 1.36 -9.11
N ARG A 17 -8.07 2.21 -8.79
CA ARG A 17 -7.00 1.89 -7.86
C ARG A 17 -7.50 1.66 -6.44
N TYR A 18 -8.45 2.51 -5.96
CA TYR A 18 -9.03 2.35 -4.61
C TYR A 18 -9.82 1.05 -4.47
N LEU A 19 -10.71 0.76 -5.45
CA LEU A 19 -11.52 -0.46 -5.48
C LEU A 19 -10.65 -1.72 -5.57
N ARG A 20 -9.63 -1.69 -6.44
CA ARG A 20 -8.67 -2.78 -6.65
C ARG A 20 -7.85 -3.10 -5.40
N GLU A 21 -7.32 -2.07 -4.70
CA GLU A 21 -6.51 -2.27 -3.50
C GLU A 21 -7.33 -2.68 -2.27
N GLN A 22 -8.64 -2.33 -2.25
CA GLN A 22 -9.54 -2.69 -1.15
C GLN A 22 -9.90 -4.18 -1.23
N ALA A 23 -10.17 -4.67 -2.45
CA ALA A 23 -10.52 -6.06 -2.75
C ALA A 23 -9.35 -7.01 -2.50
N THR A 24 -8.21 -6.76 -3.19
CA THR A 24 -6.97 -7.56 -3.09
C THR A 24 -6.30 -7.47 -1.72
N GLY A 25 -6.48 -6.33 -1.04
CA GLY A 25 -5.90 -6.07 0.27
C GLY A 25 -4.45 -5.66 0.21
N ALA A 26 -4.00 -5.11 -0.94
CA ALA A 26 -2.63 -4.67 -1.15
C ALA A 26 -2.55 -3.43 -2.03
N LYS A 27 -1.85 -2.39 -1.53
CA LYS A 27 -1.63 -1.11 -2.22
C LYS A 27 -0.73 -1.32 -3.44
N ASP A 28 -0.91 -0.49 -4.49
CA ASP A 28 -0.11 -0.59 -5.71
C ASP A 28 1.31 -0.08 -5.48
N THR A 29 2.30 -0.93 -5.81
CA THR A 29 3.74 -0.64 -5.68
C THR A 29 4.19 0.46 -6.64
N LYS A 30 3.47 0.63 -7.76
CA LYS A 30 3.76 1.66 -8.77
C LYS A 30 2.80 2.85 -8.62
N PRO A 31 3.31 4.06 -8.25
CA PRO A 31 2.41 5.22 -8.06
C PRO A 31 1.66 5.70 -9.30
N MET A 32 0.57 6.45 -9.04
CA MET A 32 -0.33 7.03 -10.04
C MET A 32 0.28 8.27 -10.72
N GLY A 33 1.21 8.91 -10.03
CA GLY A 33 1.88 10.12 -10.51
C GLY A 33 2.98 10.58 -9.57
N ARG A 34 3.36 11.86 -9.70
CA ARG A 34 4.39 12.49 -8.86
C ARG A 34 3.91 12.62 -7.41
N SER A 35 4.85 12.62 -6.45
CA SER A 35 4.64 12.68 -4.99
C SER A 35 3.44 13.54 -4.52
N GLY A 36 3.40 14.81 -4.92
CA GLY A 36 2.34 15.73 -4.53
C GLY A 36 1.31 16.02 -5.61
N ALA A 37 0.88 15.00 -6.35
CA ALA A 37 -0.14 15.16 -7.39
C ALA A 37 -1.55 15.03 -6.82
N THR A 38 -2.50 15.79 -7.40
CA THR A 38 -3.93 15.84 -7.06
C THR A 38 -4.53 14.43 -6.87
N SER A 39 -4.23 13.52 -7.82
CA SER A 39 -4.69 12.13 -7.84
C SER A 39 -4.13 11.27 -6.71
N ARG A 40 -2.82 11.40 -6.40
CA ARG A 40 -2.17 10.66 -5.31
C ARG A 40 -2.71 11.10 -3.95
N LYS A 41 -3.00 12.41 -3.81
CA LYS A 41 -3.56 13.01 -2.60
C LYS A 41 -5.01 12.57 -2.40
N ALA A 42 -5.81 12.54 -3.49
CA ALA A 42 -7.21 12.11 -3.50
C ALA A 42 -7.34 10.63 -3.12
N LEU A 43 -6.38 9.80 -3.57
CA LEU A 43 -6.34 8.36 -3.27
C LEU A 43 -5.97 8.13 -1.80
N GLU A 44 -5.06 8.97 -1.25
CA GLU A 44 -4.66 8.84 0.16
C GLU A 44 -5.79 9.31 1.09
N THR A 45 -6.59 10.28 0.63
CA THR A 45 -7.76 10.78 1.35
C THR A 45 -8.83 9.68 1.34
N LEU A 46 -9.01 9.00 0.18
CA LEU A 46 -9.96 7.91 0.01
C LEU A 46 -9.65 6.70 0.90
N ARG A 47 -8.36 6.42 1.16
CA ARG A 47 -7.95 5.31 2.02
C ARG A 47 -8.34 5.57 3.47
N ARG A 48 -8.30 6.84 3.88
CA ARG A 48 -8.61 7.28 5.25
C ARG A 48 -10.13 7.46 5.44
N VAL A 49 -10.76 8.26 4.58
CA VAL A 49 -12.19 8.57 4.63
C VAL A 49 -13.06 7.36 4.26
N GLY A 50 -12.82 6.80 3.06
CA GLY A 50 -13.55 5.66 2.51
C GLY A 50 -13.66 4.43 3.38
N ASP A 51 -12.58 4.10 4.12
CA ASP A 51 -12.55 2.95 5.01
C ASP A 51 -13.45 3.14 6.24
N GLY A 52 -13.55 4.37 6.72
CA GLY A 52 -14.40 4.75 7.84
C GLY A 52 -15.86 4.66 7.47
N VAL A 53 -16.19 5.06 6.22
CA VAL A 53 -17.55 5.02 5.67
C VAL A 53 -18.06 3.56 5.64
N GLN A 54 -17.18 2.63 5.22
CA GLN A 54 -17.46 1.19 5.13
C GLN A 54 -17.80 0.55 6.47
N ARG A 55 -17.09 0.90 7.55
CA ARG A 55 -17.39 0.35 8.87
C ARG A 55 -18.65 0.98 9.47
N ASN A 56 -18.85 2.30 9.22
CA ASN A 56 -20.01 3.05 9.70
C ASN A 56 -21.31 2.60 9.04
N HIS A 57 -21.31 2.48 7.70
CA HIS A 57 -22.45 2.07 6.89
C HIS A 57 -22.55 0.55 6.65
N GLU A 58 -21.76 -0.26 7.39
CA GLU A 58 -21.65 -1.73 7.30
C GLU A 58 -22.98 -2.46 7.09
N THR A 59 -23.97 -2.24 7.99
CA THR A 59 -25.28 -2.88 7.97
C THR A 59 -26.08 -2.54 6.71
N ALA A 60 -26.16 -1.24 6.34
CA ALA A 60 -26.87 -0.78 5.15
C ALA A 60 -26.17 -1.25 3.87
N PHE A 61 -24.81 -1.22 3.86
CA PHE A 61 -23.97 -1.66 2.73
C PHE A 61 -24.15 -3.16 2.49
N GLN A 62 -24.14 -3.97 3.57
CA GLN A 62 -24.35 -5.42 3.50
C GLN A 62 -25.76 -5.75 3.02
N GLY A 63 -26.74 -4.98 3.47
CA GLY A 63 -28.14 -5.12 3.09
C GLY A 63 -28.34 -4.88 1.61
N MET A 64 -27.89 -3.72 1.11
CA MET A 64 -27.97 -3.29 -0.30
C MET A 64 -27.28 -4.28 -1.23
N LEU A 65 -26.07 -4.76 -0.86
CA LEU A 65 -25.28 -5.73 -1.62
C LEU A 65 -26.07 -7.03 -1.82
N ARG A 66 -26.64 -7.56 -0.73
CA ARG A 66 -27.43 -8.78 -0.70
C ARG A 66 -28.68 -8.65 -1.57
N LYS A 67 -29.35 -7.48 -1.55
CA LYS A 67 -30.56 -7.23 -2.35
C LYS A 67 -30.26 -7.08 -3.83
N LEU A 68 -29.15 -6.40 -4.18
CA LEU A 68 -28.71 -6.22 -5.58
C LEU A 68 -28.29 -7.56 -6.17
N ASP A 69 -27.70 -8.45 -5.33
CA ASP A 69 -27.21 -9.80 -5.68
C ASP A 69 -26.28 -9.75 -6.90
N ILE A 70 -25.06 -9.21 -6.69
CA ILE A 70 -24.03 -9.08 -7.73
C ILE A 70 -23.20 -10.36 -7.72
N LYS A 71 -23.27 -11.13 -8.82
CA LYS A 71 -22.54 -12.39 -8.97
C LYS A 71 -21.61 -12.42 -10.19
N ASN A 72 -21.86 -11.56 -11.19
CA ASN A 72 -21.07 -11.48 -12.42
C ASN A 72 -21.04 -10.06 -13.03
N GLU A 73 -20.34 -9.91 -14.18
CA GLU A 73 -20.21 -8.64 -14.91
C GLU A 73 -21.53 -8.13 -15.46
N ASP A 74 -22.41 -9.02 -15.96
CA ASP A 74 -23.72 -8.64 -16.48
C ASP A 74 -24.58 -8.01 -15.40
N ASP A 75 -24.52 -8.57 -14.16
CA ASP A 75 -25.23 -8.08 -12.98
C ASP A 75 -24.81 -6.64 -12.66
N VAL A 76 -23.51 -6.31 -12.80
CA VAL A 76 -22.96 -4.97 -12.58
C VAL A 76 -23.54 -4.01 -13.63
N LYS A 77 -23.40 -4.37 -14.93
CA LYS A 77 -23.86 -3.58 -16.08
C LYS A 77 -25.35 -3.30 -16.06
N SER A 78 -26.16 -4.32 -15.69
CA SER A 78 -27.61 -4.23 -15.62
C SER A 78 -28.07 -3.37 -14.44
N LEU A 79 -27.55 -3.65 -13.22
CA LEU A 79 -27.94 -2.94 -12.01
C LEU A 79 -27.27 -1.57 -11.87
N SER A 80 -26.54 -1.13 -12.91
CA SER A 80 -25.93 0.20 -12.96
C SER A 80 -27.02 1.22 -13.21
N ARG A 81 -28.11 0.81 -13.92
CA ARG A 81 -29.29 1.64 -14.21
C ARG A 81 -30.00 2.04 -12.90
N VAL A 82 -29.94 1.16 -11.87
CA VAL A 82 -30.50 1.40 -10.53
C VAL A 82 -29.73 2.56 -9.89
N MET A 83 -28.38 2.52 -9.96
CA MET A 83 -27.46 3.55 -9.46
C MET A 83 -27.65 4.86 -10.24
N ILE A 84 -27.70 4.79 -11.59
CA ILE A 84 -27.88 5.93 -12.50
C ILE A 84 -29.06 6.81 -12.08
N HIS A 85 -30.23 6.20 -11.83
CA HIS A 85 -31.44 6.91 -11.46
C HIS A 85 -31.46 7.45 -10.04
N VAL A 86 -30.98 6.67 -9.05
CA VAL A 86 -30.99 7.10 -7.65
C VAL A 86 -29.99 8.24 -7.37
N PHE A 87 -28.84 8.26 -8.08
CA PHE A 87 -27.78 9.27 -7.88
C PHE A 87 -28.05 10.59 -8.61
N SER A 88 -28.66 10.56 -9.81
CA SER A 88 -28.98 11.76 -10.60
C SER A 88 -30.11 12.62 -9.97
N ASP A 89 -30.64 12.18 -8.82
CA ASP A 89 -31.70 12.83 -8.06
C ASP A 89 -31.22 13.09 -6.62
N GLY A 90 -31.49 14.29 -6.13
CA GLY A 90 -31.14 14.68 -4.77
C GLY A 90 -29.98 15.64 -4.64
N VAL A 91 -29.69 16.06 -3.39
CA VAL A 91 -28.61 16.98 -3.05
C VAL A 91 -27.24 16.40 -3.40
N THR A 92 -26.36 17.24 -3.99
CA THR A 92 -25.01 16.85 -4.40
C THR A 92 -23.99 17.39 -3.39
N ASN A 93 -23.20 16.49 -2.79
CA ASN A 93 -22.17 16.81 -1.79
C ASN A 93 -21.07 15.74 -1.72
N TRP A 94 -19.88 16.12 -1.18
CA TRP A 94 -18.72 15.23 -1.04
C TRP A 94 -18.95 14.00 -0.17
N GLY A 95 -19.88 14.12 0.78
CA GLY A 95 -20.25 13.03 1.67
C GLY A 95 -21.02 11.97 0.91
N ARG A 96 -21.91 12.41 -0.01
CA ARG A 96 -22.69 11.51 -0.85
C ARG A 96 -21.81 10.85 -1.90
N ILE A 97 -20.82 11.60 -2.42
CA ILE A 97 -19.86 11.14 -3.42
C ILE A 97 -18.91 10.07 -2.84
N VAL A 98 -18.35 10.32 -1.63
CA VAL A 98 -17.42 9.39 -0.98
C VAL A 98 -18.12 8.07 -0.52
N THR A 99 -19.39 8.15 -0.07
CA THR A 99 -20.17 6.97 0.37
C THR A 99 -20.43 6.03 -0.82
N LEU A 100 -20.71 6.59 -2.02
CA LEU A 100 -20.92 5.81 -3.26
C LEU A 100 -19.66 5.00 -3.63
N ILE A 101 -18.48 5.67 -3.63
CA ILE A 101 -17.17 5.05 -3.93
C ILE A 101 -16.84 4.00 -2.86
N SER A 102 -17.17 4.28 -1.57
CA SER A 102 -16.96 3.34 -0.46
C SER A 102 -17.81 2.09 -0.63
N PHE A 103 -19.03 2.26 -1.19
CA PHE A 103 -19.92 1.13 -1.48
C PHE A 103 -19.33 0.31 -2.61
N GLY A 104 -18.73 0.98 -3.59
CA GLY A 104 -18.03 0.36 -4.71
C GLY A 104 -16.92 -0.55 -4.23
N ALA A 105 -16.11 -0.07 -3.26
CA ALA A 105 -15.01 -0.81 -2.63
C ALA A 105 -15.57 -1.97 -1.81
N PHE A 106 -16.76 -1.77 -1.19
CA PHE A 106 -17.47 -2.78 -0.41
C PHE A 106 -17.90 -3.93 -1.35
N VAL A 107 -18.45 -3.58 -2.53
CA VAL A 107 -18.86 -4.52 -3.59
C VAL A 107 -17.60 -5.25 -4.12
N ALA A 108 -16.51 -4.47 -4.42
CA ALA A 108 -15.23 -5.00 -4.90
C ALA A 108 -14.66 -6.07 -3.94
N LYS A 109 -14.73 -5.82 -2.62
CA LYS A 109 -14.29 -6.76 -1.57
C LYS A 109 -15.08 -8.07 -1.65
N HIS A 110 -16.41 -7.97 -1.91
CA HIS A 110 -17.33 -9.11 -2.05
C HIS A 110 -17.02 -9.89 -3.32
N LEU A 111 -16.73 -9.18 -4.43
CA LEU A 111 -16.39 -9.79 -5.72
C LEU A 111 -15.09 -10.60 -5.65
N LYS A 112 -14.12 -10.15 -4.83
CA LYS A 112 -12.84 -10.84 -4.62
C LYS A 112 -13.04 -12.21 -3.95
N THR A 113 -13.98 -12.30 -2.99
CA THR A 113 -14.28 -13.54 -2.25
C THR A 113 -14.99 -14.59 -3.10
N ILE A 114 -15.80 -14.16 -4.08
CA ILE A 114 -16.56 -15.05 -4.97
C ILE A 114 -15.81 -15.30 -6.30
N ASN A 115 -14.49 -15.03 -6.32
CA ASN A 115 -13.55 -15.22 -7.43
C ASN A 115 -13.94 -14.41 -8.70
N GLN A 116 -14.52 -13.22 -8.51
CA GLN A 116 -14.93 -12.33 -9.60
C GLN A 116 -14.09 -11.05 -9.66
N GLU A 117 -12.76 -11.20 -9.54
CA GLU A 117 -11.79 -10.09 -9.57
C GLU A 117 -11.79 -9.31 -10.89
N SER A 118 -12.27 -9.93 -11.99
CA SER A 118 -12.37 -9.30 -13.31
C SER A 118 -13.48 -8.23 -13.35
N CYS A 119 -14.42 -8.26 -12.38
CA CYS A 119 -15.55 -7.35 -12.28
C CYS A 119 -15.20 -5.98 -11.69
N ILE A 120 -14.11 -5.90 -10.90
CA ILE A 120 -13.66 -4.67 -10.22
C ILE A 120 -13.46 -3.49 -11.20
N GLU A 121 -12.80 -3.70 -12.37
CA GLU A 121 -12.59 -2.64 -13.37
C GLU A 121 -13.92 -2.16 -13.99
N PRO A 122 -14.79 -3.00 -14.64
CA PRO A 122 -16.07 -2.47 -15.14
C PRO A 122 -16.97 -1.86 -14.06
N LEU A 123 -16.83 -2.31 -12.79
CA LEU A 123 -17.55 -1.75 -11.63
C LEU A 123 -17.12 -0.30 -11.41
N ALA A 124 -15.79 -0.05 -11.41
CA ALA A 124 -15.20 1.27 -11.24
C ALA A 124 -15.59 2.19 -12.39
N GLU A 125 -15.73 1.63 -13.63
CA GLU A 125 -16.13 2.35 -14.84
C GLU A 125 -17.56 2.89 -14.70
N SER A 126 -18.47 2.08 -14.11
CA SER A 126 -19.87 2.41 -13.87
C SER A 126 -19.99 3.55 -12.85
N ILE A 127 -19.27 3.45 -11.71
CA ILE A 127 -19.25 4.47 -10.66
C ILE A 127 -18.72 5.80 -11.22
N THR A 128 -17.60 5.76 -11.99
CA THR A 128 -16.99 6.93 -12.61
C THR A 128 -17.95 7.61 -13.60
N ASP A 129 -18.54 6.83 -14.54
CA ASP A 129 -19.48 7.35 -15.54
C ASP A 129 -20.72 8.02 -14.93
N VAL A 130 -21.22 7.51 -13.79
CA VAL A 130 -22.37 8.11 -13.10
C VAL A 130 -21.94 9.44 -12.49
N LEU A 131 -20.93 9.41 -11.61
CA LEU A 131 -20.37 10.56 -10.90
C LEU A 131 -19.99 11.72 -11.83
N VAL A 132 -19.19 11.44 -12.87
CA VAL A 132 -18.71 12.45 -13.82
C VAL A 132 -19.85 12.99 -14.69
N ARG A 133 -20.62 12.13 -15.40
CA ARG A 133 -21.71 12.57 -16.28
C ARG A 133 -22.86 13.30 -15.57
N THR A 134 -23.35 12.77 -14.43
CA THR A 134 -24.48 13.37 -13.71
C THR A 134 -24.08 14.61 -12.87
N LYS A 135 -22.86 14.63 -12.31
CA LYS A 135 -22.42 15.72 -11.42
C LYS A 135 -21.20 16.52 -11.95
N ARG A 136 -21.05 16.65 -13.28
CA ARG A 136 -19.94 17.37 -13.93
C ARG A 136 -19.79 18.82 -13.47
N ASP A 137 -20.85 19.64 -13.63
CA ASP A 137 -20.88 21.07 -13.28
C ASP A 137 -20.48 21.33 -11.82
N TRP A 138 -20.99 20.50 -10.89
CA TRP A 138 -20.71 20.59 -9.47
C TRP A 138 -19.23 20.33 -9.18
N LEU A 139 -18.69 19.21 -9.69
CA LEU A 139 -17.29 18.78 -9.53
C LEU A 139 -16.30 19.83 -10.04
N VAL A 140 -16.57 20.40 -11.23
CA VAL A 140 -15.74 21.43 -11.85
C VAL A 140 -15.71 22.70 -10.98
N LYS A 141 -16.89 23.17 -10.52
CA LYS A 141 -17.04 24.34 -9.65
C LYS A 141 -16.40 24.12 -8.28
N GLN A 142 -16.27 22.84 -7.85
CA GLN A 142 -15.69 22.45 -6.57
C GLN A 142 -14.18 22.11 -6.68
N ARG A 143 -13.50 22.62 -7.73
CA ARG A 143 -12.06 22.44 -8.00
C ARG A 143 -11.63 20.96 -8.19
N GLY A 144 -12.55 20.12 -8.69
CA GLY A 144 -12.31 18.71 -8.94
C GLY A 144 -11.93 17.90 -7.73
N TRP A 145 -10.86 17.09 -7.86
CA TRP A 145 -10.36 16.24 -6.78
C TRP A 145 -9.61 17.03 -5.70
N ASP A 146 -9.20 18.29 -6.00
CA ASP A 146 -8.54 19.17 -5.03
C ASP A 146 -9.55 19.61 -3.95
N GLY A 147 -10.79 19.87 -4.39
CA GLY A 147 -11.91 20.22 -3.53
C GLY A 147 -12.23 19.08 -2.58
N PHE A 148 -12.08 17.83 -3.07
CA PHE A 148 -12.27 16.60 -2.30
C PHE A 148 -11.19 16.50 -1.21
N VAL A 149 -9.91 16.77 -1.58
CA VAL A 149 -8.76 16.75 -0.65
C VAL A 149 -8.92 17.83 0.43
N GLU A 150 -9.32 19.05 0.01
CA GLU A 150 -9.54 20.20 0.87
C GLU A 150 -10.69 19.95 1.86
N PHE A 151 -11.79 19.34 1.37
CA PHE A 151 -12.99 19.04 2.16
C PHE A 151 -12.77 18.05 3.30
N PHE A 152 -11.95 17.01 3.07
CA PHE A 152 -11.71 15.97 4.06
C PHE A 152 -10.34 16.05 4.75
N HIS A 153 -9.77 17.27 4.90
CA HIS A 153 -8.48 17.47 5.56
C HIS A 153 -8.56 17.21 7.08
N VAL A 154 -7.48 16.63 7.64
CA VAL A 154 -7.39 16.32 9.07
C VAL A 154 -6.94 17.54 9.87
N SER B 1 -1.71 17.77 -13.08
CA SER B 1 -2.76 17.37 -14.01
C SER B 1 -2.66 15.87 -14.36
N ASN B 2 -3.73 15.31 -14.97
CA ASN B 2 -3.75 13.90 -15.38
C ASN B 2 -2.77 13.66 -16.55
N ALA B 3 -2.58 14.69 -17.42
CA ALA B 3 -1.67 14.65 -18.57
C ALA B 3 -0.21 14.47 -18.12
N GLU B 4 0.17 15.08 -16.97
CA GLU B 4 1.48 14.97 -16.35
C GLU B 4 1.64 13.58 -15.72
N ASP B 5 0.56 13.08 -15.05
CA ASP B 5 0.49 11.77 -14.42
C ASP B 5 0.57 10.63 -15.44
N GLU B 6 0.02 10.86 -16.66
CA GLU B 6 0.04 9.92 -17.78
C GLU B 6 1.48 9.70 -18.23
N LEU B 7 2.24 10.80 -18.39
CA LEU B 7 3.66 10.82 -18.75
C LEU B 7 4.47 10.09 -17.67
N TYR B 8 4.16 10.34 -16.38
CA TYR B 8 4.83 9.69 -15.25
C TYR B 8 4.64 8.18 -15.30
N ARG B 9 3.37 7.71 -15.52
CA ARG B 9 3.03 6.29 -15.60
C ARG B 9 3.67 5.62 -16.81
N GLN B 10 3.76 6.34 -17.96
CA GLN B 10 4.40 5.84 -19.19
C GLN B 10 5.91 5.72 -18.96
N SER B 11 6.54 6.78 -18.41
CA SER B 11 7.97 6.82 -18.10
C SER B 11 8.36 5.75 -17.09
N LEU B 12 7.56 5.60 -16.00
CA LEU B 12 7.78 4.60 -14.95
C LEU B 12 7.74 3.18 -15.50
N GLU B 13 6.80 2.89 -16.42
CA GLU B 13 6.69 1.57 -17.05
C GLU B 13 7.96 1.24 -17.85
N ILE B 14 8.41 2.17 -18.71
CA ILE B 14 9.63 2.02 -19.53
C ILE B 14 10.90 1.87 -18.67
N ILE B 15 11.15 2.83 -17.77
CA ILE B 15 12.32 2.85 -16.88
C ILE B 15 12.34 1.62 -15.94
N SER B 16 11.19 1.23 -15.35
CA SER B 16 11.13 0.06 -14.45
C SER B 16 11.41 -1.25 -15.16
N ARG B 17 10.88 -1.41 -16.39
CA ARG B 17 11.07 -2.60 -17.20
C ARG B 17 12.52 -2.75 -17.66
N TYR B 18 13.15 -1.66 -18.14
CA TYR B 18 14.55 -1.68 -18.57
C TYR B 18 15.51 -1.97 -17.42
N LEU B 19 15.30 -1.33 -16.26
CA LEU B 19 16.15 -1.51 -15.08
C LEU B 19 16.07 -2.92 -14.50
N ARG B 20 14.87 -3.54 -14.57
CA ARG B 20 14.65 -4.92 -14.10
C ARG B 20 15.26 -5.92 -15.08
N GLU B 21 15.15 -5.61 -16.39
CA GLU B 21 15.68 -6.42 -17.50
C GLU B 21 17.20 -6.57 -17.40
N GLN B 22 17.91 -5.45 -17.15
CA GLN B 22 19.37 -5.40 -17.02
C GLN B 22 19.85 -6.15 -15.78
N ALA B 23 19.08 -6.07 -14.68
CA ALA B 23 19.40 -6.71 -13.41
C ALA B 23 19.07 -8.22 -13.35
N THR B 24 18.03 -8.67 -14.06
CA THR B 24 17.61 -10.08 -14.06
C THR B 24 18.09 -10.88 -15.27
N GLY B 25 18.15 -10.24 -16.44
CA GLY B 25 18.55 -10.86 -17.68
C GLY B 25 17.40 -11.32 -18.54
N ALA B 26 16.17 -11.32 -17.97
CA ALA B 26 14.94 -11.74 -18.64
C ALA B 26 14.01 -10.58 -18.98
N LYS B 27 13.36 -10.67 -20.15
CA LYS B 27 12.39 -9.69 -20.65
C LYS B 27 11.04 -9.89 -19.94
N ASP B 28 10.30 -8.79 -19.75
CA ASP B 28 8.96 -8.85 -19.15
C ASP B 28 7.97 -9.17 -20.26
N THR B 29 7.23 -10.27 -20.08
CA THR B 29 6.24 -10.77 -21.05
C THR B 29 4.87 -10.05 -20.93
N LYS B 30 4.61 -9.40 -19.77
CA LYS B 30 3.38 -8.67 -19.46
C LYS B 30 3.10 -7.53 -20.47
N PRO B 31 1.88 -7.46 -21.06
CA PRO B 31 1.60 -6.40 -22.06
C PRO B 31 1.57 -4.98 -21.49
N MET B 32 1.71 -3.99 -22.39
CA MET B 32 1.72 -2.57 -22.05
C MET B 32 0.30 -2.00 -22.05
N GLY B 33 0.03 -1.14 -21.07
CA GLY B 33 -1.27 -0.48 -20.91
C GLY B 33 -1.48 0.66 -21.88
N ARG B 34 -1.56 1.89 -21.36
CA ARG B 34 -1.75 3.10 -22.15
C ARG B 34 -0.51 3.43 -22.97
N SER B 35 -0.71 3.73 -24.28
CA SER B 35 0.33 4.04 -25.27
C SER B 35 1.35 2.90 -25.42
N GLY B 36 0.81 1.70 -25.64
CA GLY B 36 1.55 0.44 -25.77
C GLY B 36 2.57 0.39 -26.89
N ALA B 37 2.21 0.92 -28.08
CA ALA B 37 3.09 0.96 -29.26
C ALA B 37 4.32 1.84 -29.01
N THR B 38 4.14 2.98 -28.31
CA THR B 38 5.22 3.92 -27.98
C THR B 38 6.14 3.34 -26.89
N SER B 39 5.57 2.71 -25.84
CA SER B 39 6.31 2.10 -24.73
C SER B 39 7.20 0.94 -25.21
N ARG B 40 6.67 0.05 -26.07
CA ARG B 40 7.38 -1.10 -26.64
C ARG B 40 8.54 -0.64 -27.54
N LYS B 41 8.33 0.46 -28.29
CA LYS B 41 9.33 1.05 -29.18
C LYS B 41 10.43 1.75 -28.37
N ALA B 42 10.05 2.48 -27.30
CA ALA B 42 10.97 3.20 -26.41
C ALA B 42 11.84 2.24 -25.59
N LEU B 43 11.26 1.10 -25.16
CA LEU B 43 11.98 0.07 -24.40
C LEU B 43 12.99 -0.67 -25.30
N GLU B 44 12.65 -0.84 -26.60
CA GLU B 44 13.52 -1.48 -27.60
C GLU B 44 14.68 -0.55 -27.94
N THR B 45 14.39 0.77 -28.11
CA THR B 45 15.37 1.82 -28.40
C THR B 45 16.35 1.91 -27.22
N LEU B 46 15.81 1.92 -25.98
CA LEU B 46 16.55 1.98 -24.71
C LEU B 46 17.47 0.77 -24.53
N ARG B 47 17.08 -0.41 -25.06
CA ARG B 47 17.90 -1.63 -25.01
C ARG B 47 19.12 -1.48 -25.91
N ARG B 48 18.93 -0.97 -27.13
CA ARG B 48 19.97 -0.74 -28.13
C ARG B 48 20.93 0.40 -27.70
N VAL B 49 20.37 1.60 -27.41
CA VAL B 49 21.13 2.79 -27.02
C VAL B 49 21.76 2.63 -25.62
N GLY B 50 20.92 2.37 -24.61
CA GLY B 50 21.30 2.22 -23.21
C GLY B 50 22.47 1.29 -22.92
N ASP B 51 22.47 0.08 -23.55
CA ASP B 51 23.53 -0.92 -23.37
C ASP B 51 24.88 -0.40 -23.85
N GLY B 52 24.88 0.35 -24.96
CA GLY B 52 26.05 0.98 -25.54
C GLY B 52 26.61 2.06 -24.63
N VAL B 53 25.70 2.89 -24.05
CA VAL B 53 26.00 3.99 -23.11
C VAL B 53 26.72 3.43 -21.86
N GLN B 54 26.21 2.30 -21.33
CA GLN B 54 26.77 1.60 -20.16
C GLN B 54 28.19 1.08 -20.41
N ARG B 55 28.52 0.81 -21.68
CA ARG B 55 29.84 0.33 -22.11
C ARG B 55 30.75 1.53 -22.37
N ASN B 56 30.21 2.58 -23.01
CA ASN B 56 30.92 3.81 -23.35
C ASN B 56 31.32 4.62 -22.11
N HIS B 57 30.41 4.74 -21.13
CA HIS B 57 30.63 5.48 -19.88
C HIS B 57 31.02 4.58 -18.71
N GLU B 58 31.41 3.31 -18.98
CA GLU B 58 31.79 2.31 -17.96
C GLU B 58 32.73 2.84 -16.86
N THR B 59 33.80 3.57 -17.25
CA THR B 59 34.78 4.10 -16.30
C THR B 59 34.17 5.14 -15.35
N ALA B 60 33.49 6.17 -15.91
CA ALA B 60 32.85 7.22 -15.11
C ALA B 60 31.70 6.68 -14.28
N PHE B 61 30.91 5.74 -14.83
CA PHE B 61 29.78 5.10 -14.15
C PHE B 61 30.23 4.33 -12.90
N GLN B 62 31.32 3.53 -13.03
CA GLN B 62 31.92 2.76 -11.94
C GLN B 62 32.49 3.69 -10.86
N GLY B 63 33.02 4.85 -11.28
CA GLY B 63 33.55 5.87 -10.40
C GLY B 63 32.45 6.56 -9.63
N MET B 64 31.37 6.94 -10.32
CA MET B 64 30.17 7.58 -9.76
C MET B 64 29.44 6.63 -8.79
N LEU B 65 29.29 5.35 -9.17
CA LEU B 65 28.64 4.28 -8.40
C LEU B 65 29.34 4.07 -7.05
N ARG B 66 30.69 4.05 -7.05
CA ARG B 66 31.53 3.88 -5.86
C ARG B 66 31.40 5.08 -4.92
N LYS B 67 31.27 6.30 -5.49
CA LYS B 67 31.12 7.53 -4.72
C LYS B 67 29.74 7.67 -4.08
N LEU B 68 28.69 7.10 -4.71
CA LEU B 68 27.32 7.15 -4.19
C LEU B 68 27.07 6.06 -3.15
N ASP B 69 27.66 4.87 -3.35
CA ASP B 69 27.56 3.68 -2.48
C ASP B 69 26.10 3.39 -2.06
N ILE B 70 25.32 2.80 -2.99
CA ILE B 70 23.91 2.47 -2.78
C ILE B 70 23.77 0.97 -2.45
N LYS B 71 23.17 0.67 -1.29
CA LYS B 71 22.93 -0.70 -0.82
C LYS B 71 21.60 -0.85 -0.06
N ASN B 72 20.71 0.17 -0.16
CA ASN B 72 19.39 0.20 0.48
C ASN B 72 18.47 1.25 -0.14
N GLU B 73 17.14 1.15 0.14
CA GLU B 73 16.11 2.06 -0.35
C GLU B 73 16.26 3.47 0.23
N ASP B 74 16.79 3.58 1.48
CA ASP B 74 17.01 4.88 2.15
C ASP B 74 18.10 5.71 1.47
N ASP B 75 19.11 5.05 0.84
CA ASP B 75 20.20 5.68 0.09
C ASP B 75 19.64 6.40 -1.15
N VAL B 76 18.69 5.73 -1.85
CA VAL B 76 18.03 6.22 -3.07
C VAL B 76 17.23 7.51 -2.77
N LYS B 77 16.38 7.49 -1.73
CA LYS B 77 15.55 8.63 -1.33
C LYS B 77 16.40 9.85 -0.92
N SER B 78 17.54 9.59 -0.24
CA SER B 78 18.48 10.62 0.21
C SER B 78 19.23 11.27 -0.96
N LEU B 79 19.80 10.43 -1.85
CA LEU B 79 20.56 10.89 -3.02
C LEU B 79 19.70 11.50 -4.14
N SER B 80 18.36 11.32 -4.07
CA SER B 80 17.39 11.85 -5.02
C SER B 80 17.35 13.38 -5.02
N ARG B 81 17.58 14.01 -3.84
CA ARG B 81 17.60 15.46 -3.67
C ARG B 81 18.78 16.09 -4.43
N VAL B 82 19.96 15.42 -4.39
CA VAL B 82 21.17 15.84 -5.08
C VAL B 82 20.98 15.70 -6.60
N MET B 83 20.31 14.60 -7.01
CA MET B 83 19.96 14.26 -8.40
C MET B 83 19.00 15.32 -8.98
N ILE B 84 18.09 15.87 -8.13
CA ILE B 84 17.12 16.92 -8.48
C ILE B 84 17.85 18.23 -8.85
N HIS B 85 18.83 18.65 -8.02
CA HIS B 85 19.62 19.87 -8.22
C HIS B 85 20.52 19.81 -9.45
N VAL B 86 21.14 18.64 -9.71
CA VAL B 86 22.03 18.42 -10.88
C VAL B 86 21.23 18.61 -12.19
N PHE B 87 20.03 18.01 -12.29
CA PHE B 87 19.16 18.06 -13.46
C PHE B 87 18.31 19.33 -13.60
N SER B 88 18.24 20.18 -12.55
CA SER B 88 17.45 21.42 -12.58
C SER B 88 18.09 22.62 -13.29
N ASP B 89 19.31 22.45 -13.85
CA ASP B 89 20.09 23.51 -14.52
C ASP B 89 19.41 24.17 -15.74
N GLY B 90 18.47 23.47 -16.38
CA GLY B 90 17.76 23.98 -17.55
C GLY B 90 18.24 23.43 -18.87
N VAL B 91 19.47 22.85 -18.90
CA VAL B 91 20.08 22.24 -20.08
C VAL B 91 19.41 20.87 -20.30
N THR B 92 18.80 20.65 -21.49
CA THR B 92 18.11 19.39 -21.79
C THR B 92 18.34 18.86 -23.20
N ASN B 93 18.67 17.57 -23.29
CA ASN B 93 18.87 16.79 -24.53
C ASN B 93 18.68 15.30 -24.25
N TRP B 94 18.29 14.53 -25.29
CA TRP B 94 18.04 13.09 -25.18
C TRP B 94 19.26 12.29 -24.73
N GLY B 95 20.44 12.74 -25.12
CA GLY B 95 21.72 12.14 -24.75
C GLY B 95 21.89 12.15 -23.24
N ARG B 96 21.53 13.28 -22.59
CA ARG B 96 21.57 13.46 -21.14
C ARG B 96 20.52 12.59 -20.43
N ILE B 97 19.29 12.51 -20.99
CA ILE B 97 18.20 11.72 -20.43
C ILE B 97 18.55 10.22 -20.50
N VAL B 98 18.95 9.73 -21.69
CA VAL B 98 19.29 8.33 -21.92
C VAL B 98 20.51 7.88 -21.08
N THR B 99 21.50 8.78 -20.82
CA THR B 99 22.67 8.44 -20.00
C THR B 99 22.26 8.26 -18.54
N LEU B 100 21.31 9.10 -18.04
CA LEU B 100 20.77 9.01 -16.69
C LEU B 100 20.04 7.67 -16.48
N ILE B 101 19.21 7.25 -17.46
CA ILE B 101 18.49 5.97 -17.41
C ILE B 101 19.49 4.81 -17.42
N SER B 102 20.49 4.86 -18.34
CA SER B 102 21.57 3.87 -18.47
C SER B 102 22.37 3.77 -17.18
N PHE B 103 22.57 4.91 -16.47
CA PHE B 103 23.27 4.93 -15.18
C PHE B 103 22.43 4.21 -14.14
N GLY B 104 21.10 4.40 -14.21
CA GLY B 104 20.13 3.73 -13.36
C GLY B 104 20.22 2.23 -13.54
N ALA B 105 20.34 1.78 -14.81
CA ALA B 105 20.52 0.38 -15.19
C ALA B 105 21.87 -0.16 -14.70
N PHE B 106 22.92 0.71 -14.63
CA PHE B 106 24.25 0.34 -14.13
C PHE B 106 24.17 0.09 -12.63
N VAL B 107 23.38 0.92 -11.91
CA VAL B 107 23.14 0.79 -10.46
C VAL B 107 22.27 -0.46 -10.20
N ALA B 108 21.22 -0.66 -11.03
CA ALA B 108 20.28 -1.79 -10.97
C ALA B 108 20.98 -3.14 -11.03
N LYS B 109 21.99 -3.27 -11.92
CA LYS B 109 22.82 -4.47 -12.10
C LYS B 109 23.63 -4.75 -10.82
N HIS B 110 24.20 -3.67 -10.23
CA HIS B 110 24.99 -3.73 -9.00
C HIS B 110 24.15 -4.14 -7.80
N LEU B 111 22.89 -3.64 -7.75
CA LEU B 111 21.95 -3.97 -6.66
C LEU B 111 21.53 -5.45 -6.69
N LYS B 112 21.40 -6.04 -7.89
CA LYS B 112 21.03 -7.44 -8.09
C LYS B 112 22.12 -8.41 -7.62
N THR B 113 23.40 -7.98 -7.66
CA THR B 113 24.55 -8.80 -7.24
C THR B 113 24.73 -8.80 -5.72
N ILE B 114 24.31 -7.71 -5.05
CA ILE B 114 24.41 -7.55 -3.59
C ILE B 114 23.06 -7.87 -2.88
N ASN B 115 22.21 -8.69 -3.53
CA ASN B 115 20.88 -9.16 -3.09
C ASN B 115 19.82 -8.05 -2.89
N GLN B 116 20.16 -6.78 -3.21
CA GLN B 116 19.25 -5.64 -3.05
C GLN B 116 18.32 -5.45 -4.25
N GLU B 117 17.59 -6.53 -4.63
CA GLU B 117 16.65 -6.54 -5.75
C GLU B 117 15.39 -5.69 -5.47
N SER B 118 15.11 -5.41 -4.17
CA SER B 118 14.00 -4.60 -3.71
C SER B 118 14.31 -3.09 -3.78
N CYS B 119 15.46 -2.72 -4.38
CA CYS B 119 15.90 -1.34 -4.55
C CYS B 119 15.77 -0.82 -5.97
N ILE B 120 15.61 -1.74 -6.96
CA ILE B 120 15.47 -1.42 -8.38
C ILE B 120 14.18 -0.62 -8.66
N GLU B 121 13.02 -1.05 -8.08
CA GLU B 121 11.73 -0.37 -8.26
C GLU B 121 11.72 1.05 -7.64
N PRO B 122 12.14 1.30 -6.36
CA PRO B 122 12.18 2.69 -5.85
C PRO B 122 13.19 3.58 -6.59
N LEU B 123 14.26 2.96 -7.15
CA LEU B 123 15.31 3.61 -7.95
C LEU B 123 14.68 4.12 -9.25
N ALA B 124 13.94 3.23 -9.95
CA ALA B 124 13.22 3.53 -11.18
C ALA B 124 12.15 4.59 -10.93
N GLU B 125 11.53 4.59 -9.72
CA GLU B 125 10.55 5.57 -9.29
C GLU B 125 11.21 6.94 -9.12
N SER B 126 12.43 6.97 -8.55
CA SER B 126 13.24 8.19 -8.33
C SER B 126 13.72 8.80 -9.66
N ILE B 127 14.20 7.96 -10.61
CA ILE B 127 14.66 8.41 -11.92
C ILE B 127 13.49 9.02 -12.69
N THR B 128 12.31 8.36 -12.65
CA THR B 128 11.08 8.82 -13.29
C THR B 128 10.64 10.15 -12.66
N ASP B 129 10.64 10.21 -11.30
CA ASP B 129 10.25 11.40 -10.54
C ASP B 129 11.08 12.63 -10.90
N VAL B 130 12.44 12.50 -10.95
CA VAL B 130 13.36 13.59 -11.30
C VAL B 130 13.14 14.05 -12.76
N LEU B 131 13.05 13.08 -13.68
CA LEU B 131 12.81 13.31 -15.11
C LEU B 131 11.51 14.07 -15.35
N VAL B 132 10.42 13.65 -14.68
CA VAL B 132 9.11 14.29 -14.79
C VAL B 132 9.11 15.67 -14.09
N ARG B 133 9.70 15.75 -12.88
CA ARG B 133 9.79 16.98 -12.08
C ARG B 133 10.56 18.10 -12.79
N THR B 134 11.75 17.78 -13.33
CA THR B 134 12.64 18.77 -13.93
C THR B 134 12.48 19.00 -15.43
N LYS B 135 12.11 17.96 -16.21
CA LYS B 135 12.04 18.10 -17.68
C LYS B 135 10.65 17.92 -18.31
N ARG B 136 9.55 18.10 -17.54
CA ARG B 136 8.18 17.97 -18.03
C ARG B 136 7.88 18.82 -19.27
N ASP B 137 8.23 20.13 -19.22
CA ASP B 137 8.01 21.08 -20.31
C ASP B 137 8.77 20.72 -21.60
N TRP B 138 10.06 20.34 -21.47
CA TRP B 138 10.92 19.95 -22.60
C TRP B 138 10.40 18.68 -23.27
N LEU B 139 10.08 17.65 -22.45
CA LEU B 139 9.58 16.35 -22.91
C LEU B 139 8.34 16.47 -23.80
N VAL B 140 7.35 17.30 -23.40
CA VAL B 140 6.12 17.54 -24.17
C VAL B 140 6.45 18.22 -25.50
N LYS B 141 7.33 19.26 -25.46
CA LYS B 141 7.80 20.00 -26.63
C LYS B 141 8.53 19.09 -27.62
N GLN B 142 8.98 17.90 -27.16
CA GLN B 142 9.71 16.92 -27.98
C GLN B 142 8.90 15.63 -28.18
N ARG B 143 7.55 15.74 -28.27
CA ARG B 143 6.58 14.67 -28.50
C ARG B 143 6.66 13.47 -27.52
N GLY B 144 7.26 13.70 -26.34
CA GLY B 144 7.43 12.70 -25.29
C GLY B 144 8.31 11.53 -25.68
N TRP B 145 7.84 10.30 -25.39
CA TRP B 145 8.56 9.07 -25.71
C TRP B 145 8.57 8.74 -27.21
N ASP B 146 7.69 9.39 -28.00
CA ASP B 146 7.64 9.23 -29.45
C ASP B 146 8.85 9.92 -30.07
N GLY B 147 9.22 11.06 -29.49
CA GLY B 147 10.38 11.85 -29.89
C GLY B 147 11.68 11.14 -29.57
N PHE B 148 11.68 10.34 -28.48
CA PHE B 148 12.81 9.53 -28.02
C PHE B 148 13.14 8.46 -29.07
N VAL B 149 12.09 7.80 -29.61
CA VAL B 149 12.20 6.76 -30.64
C VAL B 149 12.70 7.41 -31.95
N GLU B 150 12.11 8.57 -32.33
CA GLU B 150 12.43 9.35 -33.53
C GLU B 150 13.86 9.90 -33.53
N PHE B 151 14.35 10.36 -32.35
CA PHE B 151 15.70 10.92 -32.19
C PHE B 151 16.79 9.87 -32.39
N PHE B 152 16.61 8.67 -31.79
CA PHE B 152 17.58 7.58 -31.87
C PHE B 152 17.31 6.61 -33.05
N HIS B 153 16.41 7.00 -33.96
CA HIS B 153 16.07 6.25 -35.17
C HIS B 153 17.20 6.39 -36.19
N VAL B 154 17.72 5.25 -36.70
CA VAL B 154 18.83 5.21 -37.67
C VAL B 154 18.32 5.57 -39.06
N ASP C 5 7.27 -13.36 7.12
CA ASP C 5 8.41 -12.79 7.82
C ASP C 5 8.14 -11.36 8.28
N GLU C 6 7.60 -10.51 7.38
CA GLU C 6 7.27 -9.10 7.65
C GLU C 6 6.09 -9.00 8.62
N LEU C 7 5.09 -9.91 8.45
CA LEU C 7 3.90 -10.00 9.28
C LEU C 7 4.29 -10.28 10.74
N TYR C 8 5.22 -11.25 10.96
CA TYR C 8 5.73 -11.63 12.27
C TYR C 8 6.44 -10.46 12.95
N ARG C 9 7.33 -9.77 12.20
CA ARG C 9 8.11 -8.61 12.65
C ARG C 9 7.17 -7.48 13.14
N GLN C 10 6.11 -7.17 12.36
CA GLN C 10 5.14 -6.12 12.68
C GLN C 10 4.28 -6.49 13.90
N SER C 11 3.88 -7.77 13.98
CA SER C 11 3.06 -8.29 15.08
C SER C 11 3.83 -8.30 16.40
N LEU C 12 5.11 -8.73 16.36
CA LEU C 12 6.00 -8.77 17.52
C LEU C 12 6.26 -7.36 18.07
N GLU C 13 6.36 -6.35 17.19
CA GLU C 13 6.57 -4.95 17.58
C GLU C 13 5.44 -4.46 18.47
N ILE C 14 4.18 -4.70 18.04
CA ILE C 14 2.97 -4.31 18.78
C ILE C 14 2.79 -5.16 20.04
N ILE C 15 2.92 -6.49 19.93
CA ILE C 15 2.75 -7.45 21.04
C ILE C 15 3.80 -7.24 22.15
N SER C 16 5.09 -7.05 21.79
CA SER C 16 6.17 -6.83 22.77
C SER C 16 6.04 -5.48 23.49
N ARG C 17 5.64 -4.41 22.76
CA ARG C 17 5.48 -3.07 23.34
C ARG C 17 4.37 -3.03 24.38
N TYR C 18 3.19 -3.58 24.03
CA TYR C 18 2.01 -3.64 24.89
C TYR C 18 2.21 -4.50 26.14
N LEU C 19 2.87 -5.66 26.00
CA LEU C 19 3.13 -6.58 27.11
C LEU C 19 4.10 -6.00 28.14
N ARG C 20 5.15 -5.29 27.67
CA ARG C 20 6.14 -4.63 28.51
C ARG C 20 5.51 -3.41 29.20
N GLU C 21 4.65 -2.68 28.46
CA GLU C 21 3.93 -1.48 28.93
C GLU C 21 2.98 -1.81 30.09
N GLN C 22 2.25 -2.94 30.02
CA GLN C 22 1.30 -3.36 31.05
C GLN C 22 2.01 -3.84 32.31
N ALA C 23 3.18 -4.51 32.14
CA ALA C 23 3.97 -5.06 33.24
C ALA C 23 4.76 -4.01 34.03
N THR C 24 5.55 -3.17 33.34
CA THR C 24 6.39 -2.14 34.00
C THR C 24 5.63 -0.85 34.28
N GLY C 25 4.70 -0.49 33.40
CA GLY C 25 3.92 0.73 33.52
C GLY C 25 4.53 1.91 32.80
N ALA C 26 5.58 1.65 31.99
CA ALA C 26 6.30 2.68 31.23
C ALA C 26 6.26 2.42 29.72
N LYS C 27 5.96 3.46 28.94
CA LYS C 27 5.89 3.39 27.47
C LYS C 27 7.29 3.36 26.86
N ASP C 28 7.45 2.63 25.75
CA ASP C 28 8.74 2.50 25.06
C ASP C 28 9.10 3.75 24.24
N THR C 29 10.38 4.13 24.29
CA THR C 29 10.94 5.32 23.63
C THR C 29 11.35 5.10 22.17
N LYS C 30 11.74 3.84 21.82
CA LYS C 30 12.20 3.45 20.47
C LYS C 30 11.19 3.75 19.35
N PRO C 31 11.64 4.22 18.16
CA PRO C 31 10.68 4.50 17.08
C PRO C 31 10.18 3.22 16.39
N MET C 32 8.95 3.27 15.85
CA MET C 32 8.30 2.14 15.19
C MET C 32 8.77 1.98 13.74
N GLY C 33 9.31 0.81 13.44
CA GLY C 33 9.82 0.45 12.12
C GLY C 33 8.75 0.25 11.07
N ARG C 34 9.04 0.72 9.83
CA ARG C 34 8.19 0.66 8.63
C ARG C 34 6.81 1.31 8.85
N SER C 35 5.74 0.50 9.00
CA SER C 35 4.37 0.98 9.18
C SER C 35 4.12 1.46 10.62
N GLY C 36 4.73 2.59 10.96
CA GLY C 36 4.64 3.23 12.28
C GLY C 36 3.25 3.77 12.58
N ALA C 37 2.56 4.28 11.54
CA ALA C 37 1.21 4.83 11.63
C ALA C 37 0.20 3.72 11.94
N THR C 38 0.41 2.51 11.36
CA THR C 38 -0.41 1.33 11.56
C THR C 38 -0.15 0.73 12.97
N SER C 39 1.14 0.57 13.32
CA SER C 39 1.60 -0.01 14.59
C SER C 39 1.20 0.82 15.81
N ARG C 40 1.31 2.17 15.73
CA ARG C 40 0.95 3.09 16.82
C ARG C 40 -0.55 3.06 17.09
N LYS C 41 -1.37 2.95 16.01
CA LYS C 41 -2.83 2.87 16.08
C LYS C 41 -3.24 1.51 16.67
N ALA C 42 -2.56 0.41 16.27
CA ALA C 42 -2.80 -0.95 16.75
C ALA C 42 -2.45 -1.07 18.23
N LEU C 43 -1.40 -0.36 18.67
CA LEU C 43 -0.95 -0.31 20.06
C LEU C 43 -1.91 0.56 20.88
N GLU C 44 -2.47 1.64 20.27
CA GLU C 44 -3.45 2.54 20.90
C GLU C 44 -4.78 1.80 21.15
N THR C 45 -5.13 0.89 20.22
CA THR C 45 -6.33 0.04 20.27
C THR C 45 -6.18 -0.96 21.44
N LEU C 46 -4.99 -1.59 21.56
CA LEU C 46 -4.69 -2.54 22.64
C LEU C 46 -4.73 -1.91 24.02
N ARG C 47 -4.29 -0.64 24.13
CA ARG C 47 -4.33 0.12 25.39
C ARG C 47 -5.77 0.28 25.87
N ARG C 48 -6.71 0.51 24.92
CA ARG C 48 -8.14 0.69 25.17
C ARG C 48 -8.89 -0.64 25.38
N VAL C 49 -8.92 -1.50 24.33
CA VAL C 49 -9.63 -2.77 24.32
C VAL C 49 -9.04 -3.78 25.31
N GLY C 50 -7.72 -4.02 25.22
CA GLY C 50 -7.00 -4.97 26.06
C GLY C 50 -7.21 -4.85 27.55
N ASP C 51 -7.22 -3.61 28.08
CA ASP C 51 -7.43 -3.33 29.51
C ASP C 51 -8.86 -3.71 29.93
N GLY C 52 -9.81 -3.56 29.00
CA GLY C 52 -11.20 -3.95 29.19
C GLY C 52 -11.35 -5.46 29.17
N VAL C 53 -10.63 -6.15 28.25
CA VAL C 53 -10.64 -7.61 28.13
C VAL C 53 -10.09 -8.25 29.42
N GLN C 54 -8.96 -7.71 29.93
CA GLN C 54 -8.31 -8.17 31.17
C GLN C 54 -9.21 -7.99 32.39
N ARG C 55 -10.06 -6.94 32.36
CA ARG C 55 -11.01 -6.59 33.41
C ARG C 55 -12.18 -7.58 33.37
N ASN C 56 -12.80 -7.75 32.18
CA ASN C 56 -13.93 -8.65 31.89
C ASN C 56 -13.62 -10.13 32.10
N HIS C 57 -12.40 -10.58 31.75
CA HIS C 57 -11.93 -11.95 31.93
C HIS C 57 -10.93 -11.91 33.08
N GLU C 58 -11.37 -11.70 34.32
CA GLU C 58 -10.42 -11.63 35.44
C GLU C 58 -10.35 -12.96 36.17
N THR C 59 -11.49 -13.64 36.30
CA THR C 59 -11.64 -14.92 36.99
C THR C 59 -10.99 -16.06 36.19
N ALA C 60 -11.29 -16.16 34.87
CA ALA C 60 -10.71 -17.19 34.01
C ALA C 60 -9.21 -16.99 33.79
N PHE C 61 -8.77 -15.73 33.57
CA PHE C 61 -7.36 -15.37 33.37
C PHE C 61 -6.50 -15.77 34.57
N GLN C 62 -6.97 -15.45 35.81
CA GLN C 62 -6.31 -15.81 37.07
C GLN C 62 -6.30 -17.33 37.30
N GLY C 63 -7.35 -18.00 36.82
CA GLY C 63 -7.48 -19.45 36.91
C GLY C 63 -6.49 -20.14 35.99
N MET C 64 -6.44 -19.70 34.72
CA MET C 64 -5.54 -20.20 33.68
C MET C 64 -4.07 -19.95 34.05
N LEU C 65 -3.77 -18.76 34.62
CA LEU C 65 -2.44 -18.35 35.07
C LEU C 65 -1.89 -19.29 36.14
N ARG C 66 -2.75 -19.67 37.11
CA ARG C 66 -2.43 -20.57 38.21
C ARG C 66 -2.22 -22.00 37.73
N LYS C 67 -3.06 -22.47 36.79
CA LYS C 67 -2.97 -23.83 36.24
C LYS C 67 -1.78 -24.01 35.30
N LEU C 68 -1.37 -22.96 34.58
CA LEU C 68 -0.19 -23.01 33.71
C LEU C 68 1.08 -23.07 34.56
N ASP C 69 1.09 -22.34 35.69
CA ASP C 69 2.16 -22.25 36.69
C ASP C 69 3.50 -21.85 36.06
N ILE C 70 3.56 -20.62 35.51
CA ILE C 70 4.78 -20.12 34.88
C ILE C 70 5.75 -19.66 35.97
N LYS C 71 6.95 -20.26 35.98
CA LYS C 71 8.00 -19.98 36.97
C LYS C 71 9.26 -19.40 36.32
N ASN C 72 9.51 -19.75 35.04
CA ASN C 72 10.67 -19.32 34.25
C ASN C 72 10.36 -19.26 32.74
N GLU C 73 11.32 -18.76 31.93
CA GLU C 73 11.20 -18.64 30.47
C GLU C 73 11.18 -19.99 29.75
N ASP C 74 11.71 -21.05 30.40
CA ASP C 74 11.73 -22.42 29.88
C ASP C 74 10.30 -22.98 29.84
N ASP C 75 9.47 -22.58 30.84
CA ASP C 75 8.05 -22.95 30.94
C ASP C 75 7.27 -22.29 29.80
N VAL C 76 7.57 -20.99 29.52
CA VAL C 76 6.99 -20.19 28.44
C VAL C 76 7.17 -20.91 27.10
N LYS C 77 8.43 -21.36 26.81
CA LYS C 77 8.78 -22.08 25.58
C LYS C 77 8.10 -23.46 25.48
N SER C 78 7.99 -24.17 26.62
CA SER C 78 7.36 -25.49 26.69
C SER C 78 5.84 -25.41 26.49
N LEU C 79 5.16 -24.51 27.23
CA LEU C 79 3.71 -24.30 27.17
C LEU C 79 3.25 -23.65 25.85
N SER C 80 4.17 -22.97 25.14
CA SER C 80 3.93 -22.34 23.83
C SER C 80 3.56 -23.41 22.79
N ARG C 81 4.17 -24.61 22.91
CA ARG C 81 3.95 -25.78 22.05
C ARG C 81 2.50 -26.29 22.19
N VAL C 82 1.98 -26.29 23.44
CA VAL C 82 0.62 -26.71 23.79
C VAL C 82 -0.37 -25.67 23.24
N MET C 83 -0.11 -24.36 23.50
CA MET C 83 -0.92 -23.24 23.05
C MET C 83 -1.04 -23.16 21.52
N ILE C 84 -0.07 -23.73 20.78
CA ILE C 84 -0.06 -23.79 19.32
C ILE C 84 -1.11 -24.77 18.80
N HIS C 85 -1.30 -25.90 19.52
CA HIS C 85 -2.28 -26.94 19.19
C HIS C 85 -3.71 -26.51 19.44
N VAL C 86 -3.96 -25.80 20.57
CA VAL C 86 -5.30 -25.31 20.95
C VAL C 86 -5.73 -24.12 20.07
N PHE C 87 -4.80 -23.57 19.28
CA PHE C 87 -5.06 -22.48 18.36
C PHE C 87 -5.05 -22.96 16.90
N SER C 88 -4.62 -24.23 16.68
CA SER C 88 -4.57 -24.85 15.35
C SER C 88 -5.92 -25.42 14.87
N ASP C 89 -7.00 -24.65 15.09
CA ASP C 89 -8.36 -25.01 14.66
C ASP C 89 -8.83 -24.00 13.61
N GLY C 90 -9.94 -24.31 12.94
CA GLY C 90 -10.51 -23.44 11.90
C GLY C 90 -11.18 -22.18 12.39
N VAL C 91 -11.46 -22.08 13.71
CA VAL C 91 -12.13 -20.92 14.32
C VAL C 91 -11.16 -19.74 14.49
N THR C 92 -11.52 -18.58 13.91
CA THR C 92 -10.72 -17.34 13.97
C THR C 92 -11.61 -16.10 13.89
N ASN C 93 -11.34 -15.11 14.77
CA ASN C 93 -12.01 -13.80 14.87
C ASN C 93 -11.11 -12.83 15.64
N TRP C 94 -11.39 -11.51 15.54
CA TRP C 94 -10.61 -10.48 16.21
C TRP C 94 -10.78 -10.46 17.73
N GLY C 95 -11.89 -11.01 18.22
CA GLY C 95 -12.18 -11.13 19.65
C GLY C 95 -11.28 -12.15 20.31
N ARG C 96 -11.01 -13.26 19.60
CA ARG C 96 -10.15 -14.35 20.06
C ARG C 96 -8.67 -13.92 20.10
N ILE C 97 -8.23 -13.15 19.09
CA ILE C 97 -6.86 -12.64 18.95
C ILE C 97 -6.56 -11.63 20.06
N VAL C 98 -7.49 -10.66 20.29
CA VAL C 98 -7.38 -9.63 21.31
C VAL C 98 -7.29 -10.24 22.72
N THR C 99 -8.09 -11.28 23.00
CA THR C 99 -8.10 -11.98 24.29
C THR C 99 -6.77 -12.72 24.53
N LEU C 100 -6.16 -13.29 23.45
CA LEU C 100 -4.87 -13.99 23.49
C LEU C 100 -3.76 -13.01 23.93
N ILE C 101 -3.69 -11.83 23.30
CA ILE C 101 -2.72 -10.76 23.61
C ILE C 101 -2.98 -10.23 25.04
N SER C 102 -4.27 -10.02 25.39
CA SER C 102 -4.72 -9.57 26.72
C SER C 102 -4.30 -10.55 27.81
N PHE C 103 -4.35 -11.87 27.50
CA PHE C 103 -3.90 -12.90 28.44
C PHE C 103 -2.38 -12.83 28.61
N GLY C 104 -1.66 -12.54 27.52
CA GLY C 104 -0.21 -12.36 27.52
C GLY C 104 0.19 -11.22 28.44
N ALA C 105 -0.54 -10.07 28.34
CA ALA C 105 -0.35 -8.87 29.17
C ALA C 105 -0.63 -9.17 30.65
N PHE C 106 -1.63 -10.03 30.92
CA PHE C 106 -2.01 -10.49 32.26
C PHE C 106 -0.87 -11.33 32.86
N VAL C 107 -0.26 -12.23 32.06
CA VAL C 107 0.87 -13.08 32.43
C VAL C 107 2.11 -12.21 32.68
N ALA C 108 2.33 -11.20 31.79
CA ALA C 108 3.45 -10.26 31.86
C ALA C 108 3.51 -9.55 33.23
N LYS C 109 2.34 -9.10 33.74
CA LYS C 109 2.19 -8.45 35.06
C LYS C 109 2.64 -9.40 36.19
N HIS C 110 2.24 -10.69 36.12
CA HIS C 110 2.59 -11.71 37.10
C HIS C 110 4.10 -12.00 37.09
N LEU C 111 4.71 -12.00 35.90
CA LEU C 111 6.15 -12.21 35.74
C LEU C 111 6.95 -11.03 36.30
N LYS C 112 6.41 -9.80 36.15
CA LYS C 112 7.01 -8.56 36.67
C LYS C 112 6.97 -8.50 38.21
N THR C 113 6.11 -9.33 38.84
CA THR C 113 5.97 -9.38 40.30
C THR C 113 6.77 -10.54 40.93
N ILE C 114 7.00 -11.64 40.18
CA ILE C 114 7.77 -12.79 40.69
C ILE C 114 9.27 -12.70 40.32
N ASN C 115 9.76 -11.46 40.07
CA ASN C 115 11.14 -11.11 39.70
C ASN C 115 11.61 -11.86 38.42
N GLN C 116 10.70 -12.00 37.43
CA GLN C 116 10.99 -12.67 36.16
C GLN C 116 10.65 -11.80 34.94
N GLU C 117 11.06 -10.50 34.99
CA GLU C 117 10.89 -9.51 33.92
C GLU C 117 11.60 -9.95 32.62
N SER C 118 12.57 -10.88 32.75
CA SER C 118 13.32 -11.48 31.65
C SER C 118 12.42 -12.34 30.75
N CYS C 119 11.33 -12.92 31.33
CA CYS C 119 10.38 -13.79 30.63
C CYS C 119 9.37 -13.04 29.75
N ILE C 120 9.27 -11.69 29.89
CA ILE C 120 8.32 -10.87 29.13
C ILE C 120 8.58 -10.94 27.61
N GLU C 121 9.86 -10.85 27.17
CA GLU C 121 10.20 -10.91 25.76
C GLU C 121 9.93 -12.30 25.13
N PRO C 122 10.41 -13.46 25.69
CA PRO C 122 10.05 -14.76 25.09
C PRO C 122 8.54 -15.03 25.09
N LEU C 123 7.80 -14.48 26.09
CA LEU C 123 6.35 -14.57 26.23
C LEU C 123 5.67 -13.86 25.06
N ALA C 124 6.10 -12.61 24.79
CA ALA C 124 5.62 -11.78 23.68
C ALA C 124 5.99 -12.43 22.35
N GLU C 125 7.16 -13.11 22.31
CA GLU C 125 7.68 -13.83 21.16
C GLU C 125 6.81 -15.08 20.90
N SER C 126 6.34 -15.73 21.97
CA SER C 126 5.47 -16.91 21.92
C SER C 126 4.06 -16.55 21.46
N ILE C 127 3.52 -15.41 21.95
CA ILE C 127 2.19 -14.90 21.59
C ILE C 127 2.16 -14.64 20.07
N THR C 128 3.18 -13.93 19.56
CA THR C 128 3.36 -13.62 18.14
C THR C 128 3.54 -14.91 17.33
N ASP C 129 4.31 -15.88 17.88
CA ASP C 129 4.59 -17.18 17.26
C ASP C 129 3.32 -17.97 17.03
N VAL C 130 2.53 -18.23 18.09
CA VAL C 130 1.26 -18.97 18.03
C VAL C 130 0.21 -18.30 17.12
N LEU C 131 0.21 -16.95 17.07
CA LEU C 131 -0.72 -16.16 16.27
C LEU C 131 -0.41 -16.20 14.76
N VAL C 132 0.85 -15.88 14.37
CA VAL C 132 1.29 -15.86 12.98
C VAL C 132 1.40 -17.25 12.36
N ARG C 133 1.93 -18.24 13.11
CA ARG C 133 2.10 -19.62 12.67
C ARG C 133 0.79 -20.33 12.33
N THR C 134 -0.30 -20.03 13.06
CA THR C 134 -1.58 -20.69 12.87
C THR C 134 -2.64 -19.87 12.11
N LYS C 135 -2.55 -18.52 12.14
CA LYS C 135 -3.59 -17.68 11.53
C LYS C 135 -3.08 -16.71 10.42
N ARG C 136 -1.89 -16.96 9.82
CA ARG C 136 -1.30 -16.12 8.77
C ARG C 136 -2.24 -15.90 7.57
N ASP C 137 -2.88 -16.98 7.08
CA ASP C 137 -3.82 -16.97 5.96
C ASP C 137 -5.08 -16.16 6.26
N TRP C 138 -5.54 -16.21 7.52
CA TRP C 138 -6.70 -15.44 8.00
C TRP C 138 -6.32 -13.97 8.14
N LEU C 139 -5.12 -13.71 8.70
CA LEU C 139 -4.58 -12.35 8.92
C LEU C 139 -4.40 -11.56 7.64
N VAL C 140 -3.82 -12.18 6.59
CA VAL C 140 -3.61 -11.54 5.28
C VAL C 140 -4.95 -11.26 4.58
N LYS C 141 -5.94 -12.18 4.76
CA LYS C 141 -7.29 -12.06 4.20
C LYS C 141 -8.11 -10.99 4.93
N GLN C 142 -7.70 -10.63 6.17
CA GLN C 142 -8.37 -9.61 7.00
C GLN C 142 -7.58 -8.27 7.05
N ARG C 143 -6.62 -8.09 6.10
CA ARG C 143 -5.76 -6.91 5.90
C ARG C 143 -4.83 -6.59 7.10
N GLY C 144 -4.28 -7.64 7.71
CA GLY C 144 -3.34 -7.55 8.83
C GLY C 144 -3.83 -6.75 10.02
N TRP C 145 -2.97 -5.83 10.52
CA TRP C 145 -3.29 -4.98 11.66
C TRP C 145 -4.21 -3.80 11.31
N ASP C 146 -4.42 -3.55 10.00
CA ASP C 146 -5.32 -2.50 9.52
C ASP C 146 -6.77 -2.96 9.73
N GLY C 147 -7.00 -4.27 9.70
CA GLY C 147 -8.29 -4.89 9.95
C GLY C 147 -8.59 -4.94 11.44
N PHE C 148 -7.53 -4.96 12.28
CA PHE C 148 -7.58 -4.96 13.74
C PHE C 148 -8.05 -3.59 14.25
N VAL C 149 -7.50 -2.49 13.70
CA VAL C 149 -7.88 -1.13 14.08
C VAL C 149 -9.30 -0.80 13.62
N GLU C 150 -9.71 -1.33 12.45
CA GLU C 150 -11.05 -1.16 11.86
C GLU C 150 -12.11 -1.87 12.72
N PHE C 151 -11.84 -3.12 13.14
CA PHE C 151 -12.75 -3.95 13.95
C PHE C 151 -13.08 -3.33 15.31
N PHE C 152 -12.09 -2.68 15.94
CA PHE C 152 -12.26 -2.06 17.25
C PHE C 152 -12.25 -0.52 17.20
N HIS C 153 -12.61 0.07 16.04
CA HIS C 153 -12.64 1.53 15.90
C HIS C 153 -13.85 2.14 16.61
N VAL C 154 -13.58 3.04 17.58
CA VAL C 154 -14.59 3.73 18.38
C VAL C 154 -15.12 4.99 17.65
N GLU C 155 -16.44 5.26 17.76
CA GLU C 155 -17.08 6.41 17.11
C GLU C 155 -17.94 7.18 18.09
#